data_9ELR
#
_entry.id   9ELR
#
_cell.length_a   40.849
_cell.length_b   78.181
_cell.length_c   80.389
_cell.angle_alpha   90.00
_cell.angle_beta   90.36
_cell.angle_gamma   90.00
#
_symmetry.space_group_name_H-M   'P 1 21 1'
#
loop_
_entity.id
_entity.type
_entity.pdbx_description
1 polymer 'RNA (76-MER)'
2 non-polymer 'naphthalen-2-yl 3-[(3~{R},4~{R},5~{R},9~{S},14~{S},15~{S},19~{S},20~{S},21~{R})-4,15,20-tris(2-azanyl-2-oxidanylidene-ethyl)-9,14,19-tris(3-azanyl-3-oxidanylidene-propyl)-5-[3-[[(2~{R})-2-[[(2~{R},3~{S},4~{R},5~{S})-5-(5,6-dimethylbenzimidazol-1-yl)-2-(hydroxymethyl)-4-oxidanyl-oxolan-3-yl]oxy-oxidanyl-phosphoryl]oxypropyl]amino]-3-oxidanylidene-propyl]-5,7,10,10,15,17,20,21-octamethyl-22-aza-2,23,24-triazonia-1$l^{5}-cobaltaoctacyclo[11.9.1.1^{1,8}.0^{2,6}.0^{3,21}.0^{16,23}.0^{18,22}.0^{11,24}]tetracosa-2(6),7,11(24),12,16(23),17-hexaen-1-yl]prop-2-ynoate'
3 non-polymer N-methylpropane-1,3-diamine
4 non-polymer 2-AMINO-2-HYDROXYMETHYL-PROPANE-1,3-DIOL
5 non-polymer 'MAGNESIUM ION'
6 non-polymer 'POTASSIUM ION'
7 water water
#
_entity_poly.entity_id   1
_entity_poly.type   'polyribonucleotide'
_entity_poly.pdbx_seq_one_letter_code
;(GTP)GUAAAAGCAUAGUGGGAAAGUGACGUGAAAUUCGUCCACACGAAAGUAAGGUCAUAGUCCGAAUGCCACCUACCA
;
_entity_poly.pdbx_strand_id   A,B
#